data_1VF3
#
_entry.id   1VF3
#
_cell.length_a   99.258
_cell.length_b   114.182
_cell.length_c   94.634
_cell.angle_alpha   90.00
_cell.angle_beta   90.00
_cell.angle_gamma   90.00
#
_symmetry.space_group_name_H-M   'C 2 2 21'
#
loop_
_entity.id
_entity.type
_entity.pdbx_description
1 polymer 'Glutathione S-transferase 3'
2 non-polymer 'GLUTATHIONE S-(2,4 DINITROBENZENE)'
3 non-polymer 'ACETIC ACID'
4 water water
#
_entity_poly.entity_id   1
_entity_poly.type   'polypeptide(L)'
_entity_poly.pdbx_seq_one_letter_code
;MAAKPVLYYFNGRGKMESIRWLLAAAGVEFEEVFLETREQYEKLLQSGILMFQQVPMVEIDGMKLVQTRAILNYIAGKYN
LYGKDLKERALIDMYVGGTDDLMGFLLSFPFLSAEDKVKQCAFVVEKATSRYFPAYEKVLKDHGQDFLVGNRLSWADIHL
LEAILMVEEKKSDALSGFPLLQAFKKRISSIPTIKKFLAPGSKRKPISDDKYVETVRRVLRMYYDVKPH
;
_entity_poly.pdbx_strand_id   A,B
#
# COMPACT_ATOMS: atom_id res chain seq x y z
N LYS A 4 -13.84 -22.69 -0.96
CA LYS A 4 -14.29 -21.46 -0.24
C LYS A 4 -13.12 -20.81 0.49
N PRO A 5 -12.87 -19.52 0.21
CA PRO A 5 -11.78 -18.77 0.84
C PRO A 5 -11.95 -18.62 2.34
N VAL A 6 -10.83 -18.67 3.05
CA VAL A 6 -10.83 -18.56 4.51
C VAL A 6 -10.03 -17.33 4.96
N LEU A 7 -10.67 -16.47 5.74
CA LEU A 7 -10.02 -15.24 6.21
C LEU A 7 -9.48 -15.37 7.62
N TYR A 8 -8.16 -15.26 7.74
CA TYR A 8 -7.49 -15.35 9.03
C TYR A 8 -7.19 -13.93 9.55
N TYR A 9 -7.85 -13.57 10.64
CA TYR A 9 -7.68 -12.26 11.23
C TYR A 9 -8.38 -12.32 12.59
N PHE A 10 -8.52 -11.18 13.24
CA PHE A 10 -9.19 -11.13 14.53
C PHE A 10 -10.68 -10.91 14.30
N ASN A 11 -11.46 -11.00 15.36
CA ASN A 11 -12.90 -10.78 15.23
C ASN A 11 -13.19 -9.29 15.37
N GLY A 12 -12.92 -8.58 14.28
CA GLY A 12 -13.13 -7.14 14.20
C GLY A 12 -12.81 -6.70 12.77
N ARG A 13 -12.83 -5.39 12.53
CA ARG A 13 -12.57 -4.84 11.21
C ARG A 13 -11.10 -4.88 10.80
N GLY A 14 -10.34 -3.91 11.29
CA GLY A 14 -8.92 -3.84 10.96
C GLY A 14 -8.72 -3.88 9.45
N LYS A 15 -7.56 -4.37 9.02
CA LYS A 15 -7.25 -4.45 7.60
C LYS A 15 -8.07 -5.49 6.85
N MET A 16 -8.64 -6.45 7.56
CA MET A 16 -9.42 -7.50 6.93
C MET A 16 -10.81 -7.07 6.42
N GLU A 17 -11.38 -6.02 7.01
CA GLU A 17 -12.70 -5.53 6.66
C GLU A 17 -12.90 -5.24 5.16
N SER A 18 -11.96 -4.53 4.55
CA SER A 18 -12.07 -4.21 3.12
C SER A 18 -12.11 -5.49 2.28
N ILE A 19 -11.48 -6.55 2.80
CA ILE A 19 -11.45 -7.84 2.12
C ILE A 19 -12.86 -8.42 2.22
N ARG A 20 -13.44 -8.36 3.41
CA ARG A 20 -14.79 -8.86 3.64
C ARG A 20 -15.75 -8.16 2.68
N TRP A 21 -15.56 -6.86 2.53
CA TRP A 21 -16.40 -6.06 1.63
C TRP A 21 -16.30 -6.53 0.19
N LEU A 22 -15.07 -6.58 -0.33
CA LEU A 22 -14.90 -6.98 -1.71
C LEU A 22 -15.49 -8.35 -2.03
N LEU A 23 -15.26 -9.32 -1.15
CA LEU A 23 -15.80 -10.66 -1.37
C LEU A 23 -17.33 -10.65 -1.35
N ALA A 24 -17.92 -9.94 -0.39
CA ALA A 24 -19.37 -9.87 -0.31
C ALA A 24 -19.89 -9.17 -1.55
N ALA A 25 -19.20 -8.12 -1.97
CA ALA A 25 -19.59 -7.38 -3.15
C ALA A 25 -19.53 -8.29 -4.37
N ALA A 26 -18.56 -9.20 -4.40
CA ALA A 26 -18.43 -10.11 -5.53
C ALA A 26 -19.40 -11.26 -5.34
N GLY A 27 -20.19 -11.18 -4.27
CA GLY A 27 -21.15 -12.23 -4.00
C GLY A 27 -20.44 -13.56 -3.79
N VAL A 28 -19.34 -13.52 -3.05
CA VAL A 28 -18.55 -14.72 -2.77
C VAL A 28 -18.65 -15.17 -1.33
N GLU A 29 -19.11 -16.40 -1.14
CA GLU A 29 -19.24 -16.97 0.20
C GLU A 29 -17.84 -17.23 0.74
N PHE A 30 -17.64 -17.04 2.04
CA PHE A 30 -16.32 -17.26 2.63
C PHE A 30 -16.37 -17.62 4.10
N GLU A 31 -15.29 -18.21 4.59
CA GLU A 31 -15.19 -18.60 5.99
C GLU A 31 -14.20 -17.70 6.69
N GLU A 32 -14.30 -17.63 8.01
CA GLU A 32 -13.38 -16.81 8.79
C GLU A 32 -12.75 -17.60 9.92
N VAL A 33 -11.49 -17.28 10.23
CA VAL A 33 -10.76 -17.92 11.32
C VAL A 33 -10.26 -16.77 12.18
N PHE A 34 -10.73 -16.68 13.42
CA PHE A 34 -10.34 -15.59 14.30
C PHE A 34 -9.22 -15.95 15.27
N LEU A 35 -8.24 -15.06 15.39
CA LEU A 35 -7.13 -15.26 16.31
C LEU A 35 -7.57 -14.73 17.67
N GLU A 36 -7.64 -15.61 18.66
CA GLU A 36 -8.06 -15.18 19.99
C GLU A 36 -6.98 -15.39 21.06
N THR A 37 -6.10 -16.36 20.85
CA THR A 37 -5.05 -16.62 21.82
C THR A 37 -3.63 -16.60 21.24
N ARG A 38 -2.70 -16.15 22.06
CA ARG A 38 -1.29 -16.07 21.69
C ARG A 38 -0.76 -17.42 21.22
N GLU A 39 -1.30 -18.51 21.76
CA GLU A 39 -0.86 -19.84 21.39
C GLU A 39 -1.43 -20.25 20.04
N GLN A 40 -2.61 -19.74 19.71
CA GLN A 40 -3.23 -20.06 18.43
C GLN A 40 -2.35 -19.44 17.35
N TYR A 41 -1.85 -18.25 17.64
CA TYR A 41 -1.00 -17.52 16.71
C TYR A 41 0.34 -18.23 16.54
N GLU A 42 1.07 -18.41 17.65
CA GLU A 42 2.36 -19.06 17.60
C GLU A 42 2.26 -20.40 16.86
N LYS A 43 1.14 -21.08 17.02
CA LYS A 43 0.93 -22.35 16.32
C LYS A 43 0.95 -22.07 14.82
N LEU A 44 0.40 -20.92 14.42
CA LEU A 44 0.38 -20.53 13.02
C LEU A 44 1.79 -20.24 12.52
N LEU A 45 2.57 -19.49 13.30
CA LEU A 45 3.95 -19.19 12.90
C LEU A 45 4.69 -20.49 12.66
N GLN A 46 4.49 -21.44 13.55
CA GLN A 46 5.13 -22.75 13.48
C GLN A 46 4.86 -23.42 12.14
N SER A 47 3.61 -23.34 11.67
CA SER A 47 3.26 -23.96 10.41
C SER A 47 3.88 -23.20 9.24
N GLY A 48 4.17 -21.92 9.46
CA GLY A 48 4.77 -21.13 8.42
C GLY A 48 3.81 -20.69 7.32
N ILE A 49 2.51 -20.68 7.62
CA ILE A 49 1.54 -20.29 6.60
C ILE A 49 1.41 -18.76 6.46
N LEU A 50 2.06 -18.00 7.34
CA LEU A 50 2.05 -16.54 7.29
C LEU A 50 3.44 -16.12 6.77
N MET A 51 3.58 -15.92 5.47
CA MET A 51 4.88 -15.57 4.91
C MET A 51 5.67 -14.55 5.70
N PHE A 52 5.01 -13.51 6.19
CA PHE A 52 5.74 -12.50 6.95
C PHE A 52 5.36 -12.41 8.41
N GLN A 53 4.79 -13.50 8.94
CA GLN A 53 4.39 -13.56 10.34
C GLN A 53 3.20 -12.66 10.68
N GLN A 54 2.55 -12.14 9.65
CA GLN A 54 1.42 -11.25 9.87
C GLN A 54 0.10 -11.72 9.29
N VAL A 55 -0.95 -11.01 9.68
CA VAL A 55 -2.30 -11.21 9.20
C VAL A 55 -2.70 -9.78 8.88
N PRO A 56 -3.72 -9.60 8.04
CA PRO A 56 -4.49 -10.66 7.38
C PRO A 56 -3.76 -11.66 6.52
N MET A 57 -4.38 -12.82 6.36
CA MET A 57 -3.88 -13.92 5.54
C MET A 57 -5.15 -14.52 4.97
N VAL A 58 -5.11 -14.96 3.73
CA VAL A 58 -6.30 -15.55 3.15
C VAL A 58 -5.95 -16.74 2.29
N GLU A 59 -6.56 -17.89 2.60
CA GLU A 59 -6.34 -19.10 1.82
C GLU A 59 -7.39 -18.99 0.73
N ILE A 60 -6.94 -18.87 -0.51
CA ILE A 60 -7.85 -18.76 -1.64
C ILE A 60 -7.18 -19.36 -2.89
N ASP A 61 -7.89 -20.27 -3.56
CA ASP A 61 -7.37 -20.94 -4.75
C ASP A 61 -5.99 -21.57 -4.59
N GLY A 62 -5.78 -22.26 -3.47
CA GLY A 62 -4.51 -22.92 -3.24
C GLY A 62 -3.40 -22.01 -2.77
N MET A 63 -3.72 -20.76 -2.47
CA MET A 63 -2.68 -19.85 -2.02
C MET A 63 -2.88 -19.44 -0.58
N LYS A 64 -1.77 -19.08 0.06
CA LYS A 64 -1.78 -18.59 1.42
C LYS A 64 -1.35 -17.13 1.26
N LEU A 65 -2.25 -16.31 0.75
CA LEU A 65 -1.96 -14.89 0.51
C LEU A 65 -1.95 -14.03 1.76
N VAL A 66 -0.88 -13.23 1.88
CA VAL A 66 -0.75 -12.27 2.98
C VAL A 66 -0.49 -10.95 2.28
N GLN A 67 -0.52 -9.84 3.02
CA GLN A 67 -0.35 -8.49 2.46
C GLN A 67 -1.72 -8.11 1.92
N THR A 68 -2.44 -7.31 2.69
CA THR A 68 -3.78 -6.87 2.35
C THR A 68 -4.01 -6.44 0.89
N ARG A 69 -3.15 -5.59 0.36
CA ARG A 69 -3.35 -5.13 -1.00
C ARG A 69 -3.21 -6.23 -2.05
N ALA A 70 -2.38 -7.23 -1.77
CA ALA A 70 -2.19 -8.34 -2.71
C ALA A 70 -3.48 -9.17 -2.73
N ILE A 71 -4.08 -9.29 -1.57
CA ILE A 71 -5.32 -10.05 -1.43
C ILE A 71 -6.47 -9.37 -2.17
N LEU A 72 -6.64 -8.06 -1.94
CA LEU A 72 -7.71 -7.32 -2.60
C LEU A 72 -7.47 -7.31 -4.11
N ASN A 73 -6.24 -7.04 -4.51
CA ASN A 73 -5.87 -7.00 -5.93
C ASN A 73 -6.30 -8.28 -6.63
N TYR A 74 -5.96 -9.42 -6.04
CA TYR A 74 -6.31 -10.71 -6.60
C TYR A 74 -7.83 -10.88 -6.73
N ILE A 75 -8.55 -10.57 -5.66
CA ILE A 75 -10.00 -10.70 -5.65
C ILE A 75 -10.64 -9.75 -6.66
N ALA A 76 -10.13 -8.52 -6.73
CA ALA A 76 -10.70 -7.56 -7.68
C ALA A 76 -10.53 -8.10 -9.10
N GLY A 77 -9.37 -8.70 -9.36
CA GLY A 77 -9.08 -9.25 -10.68
C GLY A 77 -9.90 -10.47 -11.00
N LYS A 78 -9.94 -11.42 -10.06
CA LYS A 78 -10.68 -12.66 -10.26
C LYS A 78 -12.17 -12.46 -10.53
N TYR A 79 -12.76 -11.43 -9.94
CA TYR A 79 -14.19 -11.21 -10.13
C TYR A 79 -14.60 -10.04 -11.03
N ASN A 80 -13.69 -9.63 -11.90
CA ASN A 80 -13.98 -8.54 -12.83
C ASN A 80 -14.45 -7.23 -12.20
N LEU A 81 -13.76 -6.82 -11.14
CA LEU A 81 -14.07 -5.57 -10.47
C LEU A 81 -12.79 -4.72 -10.57
N TYR A 82 -11.95 -5.04 -11.54
CA TYR A 82 -10.69 -4.33 -11.72
C TYR A 82 -10.57 -3.64 -13.07
N GLY A 83 -11.70 -3.25 -13.65
CA GLY A 83 -11.65 -2.57 -14.93
C GLY A 83 -11.52 -3.52 -16.11
N LYS A 84 -11.22 -2.97 -17.28
CA LYS A 84 -11.10 -3.75 -18.50
C LYS A 84 -9.69 -3.76 -19.12
N ASP A 85 -8.87 -2.75 -18.81
CA ASP A 85 -7.51 -2.66 -19.32
C ASP A 85 -6.56 -2.00 -18.32
N LEU A 86 -5.27 -1.91 -18.66
CA LEU A 86 -4.28 -1.29 -17.78
C LEU A 86 -4.65 0.09 -17.31
N LYS A 87 -5.16 0.90 -18.24
CA LYS A 87 -5.55 2.27 -17.93
C LYS A 87 -6.62 2.33 -16.86
N GLU A 88 -7.68 1.56 -17.02
CA GLU A 88 -8.77 1.55 -16.05
C GLU A 88 -8.23 1.10 -14.70
N ARG A 89 -7.42 0.04 -14.71
CA ARG A 89 -6.83 -0.45 -13.48
C ARG A 89 -6.01 0.64 -12.81
N ALA A 90 -5.32 1.45 -13.61
CA ALA A 90 -4.51 2.52 -13.06
C ALA A 90 -5.38 3.51 -12.33
N LEU A 91 -6.54 3.81 -12.90
CA LEU A 91 -7.47 4.73 -12.28
C LEU A 91 -8.02 4.11 -11.02
N ILE A 92 -8.34 2.82 -11.08
CA ILE A 92 -8.86 2.13 -9.91
C ILE A 92 -7.82 2.17 -8.78
N ASP A 93 -6.57 1.87 -9.11
CA ASP A 93 -5.49 1.89 -8.12
C ASP A 93 -5.24 3.26 -7.51
N MET A 94 -5.34 4.31 -8.32
CA MET A 94 -5.14 5.66 -7.83
C MET A 94 -6.26 6.05 -6.86
N TYR A 95 -7.48 5.63 -7.17
CA TYR A 95 -8.64 5.91 -6.32
C TYR A 95 -8.56 5.10 -5.04
N VAL A 96 -8.27 3.80 -5.17
CA VAL A 96 -8.17 2.94 -4.00
C VAL A 96 -7.06 3.42 -3.07
N GLY A 97 -5.98 3.95 -3.64
CA GLY A 97 -4.88 4.45 -2.83
C GLY A 97 -5.35 5.59 -1.94
N GLY A 98 -6.27 6.38 -2.48
CA GLY A 98 -6.81 7.49 -1.74
C GLY A 98 -7.61 7.04 -0.54
N THR A 99 -8.59 6.20 -0.78
CA THR A 99 -9.43 5.69 0.28
C THR A 99 -8.65 4.76 1.21
N ASP A 100 -7.61 4.13 0.69
CA ASP A 100 -6.80 3.24 1.51
C ASP A 100 -6.05 4.08 2.55
N ASP A 101 -5.71 5.31 2.16
CA ASP A 101 -5.01 6.23 3.04
C ASP A 101 -5.99 6.80 4.06
N LEU A 102 -7.18 7.14 3.59
CA LEU A 102 -8.23 7.70 4.44
C LEU A 102 -8.65 6.70 5.52
N MET A 103 -8.90 5.46 5.11
CA MET A 103 -9.32 4.42 6.05
C MET A 103 -8.18 4.07 6.98
N GLY A 104 -6.95 4.24 6.48
CA GLY A 104 -5.78 3.95 7.28
C GLY A 104 -5.75 4.83 8.51
N PHE A 105 -6.22 6.06 8.37
CA PHE A 105 -6.24 6.99 9.48
C PHE A 105 -7.18 6.56 10.59
N LEU A 106 -8.08 5.63 10.29
CA LEU A 106 -9.04 5.14 11.27
C LEU A 106 -8.74 3.73 11.75
N LEU A 107 -7.67 3.13 11.22
CA LEU A 107 -7.31 1.78 11.60
C LEU A 107 -6.71 1.66 12.99
N SER A 108 -6.01 2.70 13.43
CA SER A 108 -5.38 2.67 14.75
C SER A 108 -6.23 3.41 15.78
N PHE A 109 -7.42 3.83 15.37
CA PHE A 109 -8.30 4.56 16.27
C PHE A 109 -8.55 3.80 17.57
N PRO A 110 -9.12 2.57 17.49
CA PRO A 110 -9.39 1.77 18.69
C PRO A 110 -8.21 1.55 19.62
N PHE A 111 -6.99 1.75 19.14
CA PHE A 111 -5.82 1.56 19.98
C PHE A 111 -5.37 2.89 20.59
N LEU A 112 -5.99 3.98 20.16
CA LEU A 112 -5.64 5.29 20.69
C LEU A 112 -6.29 5.54 22.04
N SER A 113 -5.89 6.62 22.69
CA SER A 113 -6.45 6.99 23.98
C SER A 113 -7.56 8.00 23.71
N ALA A 114 -8.50 8.11 24.64
CA ALA A 114 -9.60 9.05 24.49
C ALA A 114 -9.06 10.40 24.04
N GLU A 115 -7.92 10.78 24.61
CA GLU A 115 -7.27 12.04 24.28
C GLU A 115 -6.98 12.16 22.79
N ASP A 116 -6.24 11.20 22.26
CA ASP A 116 -5.88 11.20 20.85
C ASP A 116 -7.04 10.81 19.93
N LYS A 117 -8.01 10.07 20.44
CA LYS A 117 -9.14 9.68 19.62
C LYS A 117 -9.88 10.93 19.18
N VAL A 118 -9.97 11.89 20.09
CA VAL A 118 -10.63 13.16 19.79
C VAL A 118 -9.84 13.91 18.72
N LYS A 119 -8.52 13.89 18.85
CA LYS A 119 -7.67 14.57 17.88
C LYS A 119 -7.72 13.82 16.54
N GLN A 120 -7.61 12.49 16.60
CA GLN A 120 -7.63 11.66 15.42
C GLN A 120 -8.93 11.79 14.64
N CYS A 121 -10.06 11.88 15.35
CA CYS A 121 -11.35 12.02 14.69
C CYS A 121 -11.34 13.33 13.89
N ALA A 122 -10.87 14.39 14.53
CA ALA A 122 -10.78 15.69 13.90
C ALA A 122 -9.96 15.61 12.62
N PHE A 123 -8.77 15.02 12.73
CA PHE A 123 -7.87 14.89 11.59
C PHE A 123 -8.53 14.14 10.43
N VAL A 124 -9.12 13.00 10.75
CA VAL A 124 -9.77 12.18 9.73
C VAL A 124 -10.85 12.95 8.98
N VAL A 125 -11.86 13.44 9.70
CA VAL A 125 -12.95 14.17 9.08
C VAL A 125 -12.46 15.33 8.22
N GLU A 126 -11.51 16.09 8.75
CA GLU A 126 -10.94 17.22 8.02
C GLU A 126 -10.31 16.76 6.70
N LYS A 127 -9.52 15.67 6.77
CA LYS A 127 -8.89 15.13 5.57
C LYS A 127 -9.97 14.75 4.57
N ALA A 128 -11.08 14.23 5.07
CA ALA A 128 -12.18 13.82 4.21
C ALA A 128 -12.88 14.99 3.52
N THR A 129 -13.29 15.99 4.30
CA THR A 129 -13.99 17.14 3.70
C THR A 129 -13.08 18.03 2.87
N SER A 130 -11.81 18.13 3.24
CA SER A 130 -10.90 19.00 2.50
C SER A 130 -10.00 18.31 1.47
N ARG A 131 -9.84 16.99 1.55
CA ARG A 131 -8.96 16.33 0.58
C ARG A 131 -9.56 15.23 -0.27
N TYR A 132 -10.17 14.23 0.36
CA TYR A 132 -10.72 13.12 -0.41
C TYR A 132 -12.11 13.29 -1.00
N PHE A 133 -13.07 13.77 -0.23
CA PHE A 133 -14.41 13.93 -0.79
C PHE A 133 -14.36 14.87 -2.00
N PRO A 134 -13.63 15.99 -1.89
CA PRO A 134 -13.56 16.91 -3.03
C PRO A 134 -13.04 16.20 -4.28
N ALA A 135 -12.01 15.37 -4.08
CA ALA A 135 -11.40 14.62 -5.19
C ALA A 135 -12.37 13.65 -5.86
N TYR A 136 -13.07 12.84 -5.08
CA TYR A 136 -14.00 11.89 -5.65
C TYR A 136 -15.25 12.60 -6.17
N GLU A 137 -15.66 13.67 -5.49
CA GLU A 137 -16.83 14.44 -5.94
C GLU A 137 -16.47 14.97 -7.33
N LYS A 138 -15.24 15.43 -7.49
CA LYS A 138 -14.80 15.96 -8.78
C LYS A 138 -14.78 14.90 -9.88
N VAL A 139 -14.27 13.71 -9.58
CA VAL A 139 -14.22 12.64 -10.58
C VAL A 139 -15.61 12.40 -11.16
N LEU A 140 -16.57 12.16 -10.27
CA LEU A 140 -17.94 11.91 -10.67
C LEU A 140 -18.54 13.06 -11.49
N LYS A 141 -18.23 14.29 -11.10
CA LYS A 141 -18.76 15.47 -11.79
C LYS A 141 -18.23 15.59 -13.21
N ASP A 142 -16.91 15.54 -13.37
CA ASP A 142 -16.31 15.66 -14.69
C ASP A 142 -16.61 14.45 -15.57
N HIS A 143 -17.10 13.38 -14.96
CA HIS A 143 -17.42 12.17 -15.70
C HIS A 143 -18.92 11.98 -15.84
N GLY A 144 -19.67 12.60 -14.93
CA GLY A 144 -21.12 12.51 -14.97
C GLY A 144 -21.71 11.11 -14.94
N GLN A 145 -20.85 10.08 -14.96
CA GLN A 145 -21.33 8.71 -14.93
C GLN A 145 -21.77 8.26 -13.55
N ASP A 146 -22.28 7.03 -13.49
CA ASP A 146 -22.78 6.45 -12.25
C ASP A 146 -21.70 5.81 -11.40
N PHE A 147 -20.57 5.47 -12.03
CA PHE A 147 -19.47 4.84 -11.31
C PHE A 147 -18.15 5.55 -11.52
N LEU A 148 -17.21 5.30 -10.62
CA LEU A 148 -15.91 5.95 -10.69
C LEU A 148 -15.13 5.65 -11.95
N VAL A 149 -15.16 4.40 -12.42
CA VAL A 149 -14.37 4.02 -13.59
C VAL A 149 -15.11 3.08 -14.56
N GLY A 150 -14.92 3.31 -15.85
CA GLY A 150 -15.53 2.46 -16.86
C GLY A 150 -17.04 2.35 -16.86
N ASN A 151 -17.71 3.31 -16.25
CA ASN A 151 -19.18 3.31 -16.21
C ASN A 151 -19.74 1.94 -15.77
N ARG A 152 -19.18 1.39 -14.70
CA ARG A 152 -19.63 0.09 -14.18
C ARG A 152 -19.00 -0.19 -12.81
N LEU A 153 -19.70 -0.97 -11.99
CA LEU A 153 -19.20 -1.28 -10.67
C LEU A 153 -17.78 -1.81 -10.69
N SER A 154 -16.93 -1.25 -9.85
CA SER A 154 -15.54 -1.69 -9.76
C SER A 154 -15.16 -1.64 -8.30
N TRP A 155 -14.02 -2.24 -7.97
CA TRP A 155 -13.54 -2.28 -6.61
C TRP A 155 -13.29 -0.87 -6.05
N ALA A 156 -13.02 0.08 -6.93
CA ALA A 156 -12.79 1.44 -6.47
C ALA A 156 -14.08 1.99 -5.85
N ASP A 157 -15.21 1.62 -6.44
CA ASP A 157 -16.52 2.07 -5.96
C ASP A 157 -16.80 1.51 -4.60
N ILE A 158 -16.50 0.23 -4.44
CA ILE A 158 -16.73 -0.47 -3.18
C ILE A 158 -15.82 0.04 -2.07
N HIS A 159 -14.57 0.36 -2.41
CA HIS A 159 -13.63 0.86 -1.41
C HIS A 159 -14.04 2.28 -0.98
N LEU A 160 -14.54 3.07 -1.92
CA LEU A 160 -14.96 4.44 -1.60
C LEU A 160 -16.21 4.43 -0.73
N LEU A 161 -17.17 3.55 -1.02
CA LEU A 161 -18.38 3.51 -0.20
C LEU A 161 -18.05 3.14 1.23
N GLU A 162 -17.22 2.12 1.43
CA GLU A 162 -16.84 1.71 2.79
C GLU A 162 -16.20 2.88 3.53
N ALA A 163 -15.32 3.61 2.87
CA ALA A 163 -14.65 4.76 3.47
C ALA A 163 -15.65 5.86 3.76
N ILE A 164 -16.64 6.04 2.89
CA ILE A 164 -17.66 7.07 3.10
C ILE A 164 -18.38 6.77 4.39
N LEU A 165 -18.82 5.52 4.55
CA LEU A 165 -19.52 5.10 5.75
C LEU A 165 -18.66 5.19 7.01
N MET A 166 -17.36 4.89 6.90
CA MET A 166 -16.50 4.96 8.07
C MET A 166 -16.39 6.39 8.54
N VAL A 167 -16.37 7.33 7.60
CA VAL A 167 -16.26 8.73 7.96
C VAL A 167 -17.60 9.19 8.53
N GLU A 168 -18.70 8.71 7.95
CA GLU A 168 -19.99 9.11 8.47
C GLU A 168 -20.22 8.55 9.86
N GLU A 169 -19.53 7.46 10.21
CA GLU A 169 -19.67 6.90 11.55
C GLU A 169 -19.05 7.88 12.55
N LYS A 170 -18.14 8.71 12.06
CA LYS A 170 -17.44 9.69 12.89
C LYS A 170 -18.08 11.07 12.87
N LYS A 171 -18.70 11.40 11.75
CA LYS A 171 -19.34 12.70 11.53
C LYS A 171 -20.48 12.45 10.57
N SER A 172 -21.66 12.17 11.14
CA SER A 172 -22.85 11.86 10.36
C SER A 172 -23.13 12.75 9.14
N ASP A 173 -22.77 14.03 9.20
CA ASP A 173 -23.03 14.95 8.11
C ASP A 173 -21.79 15.32 7.30
N ALA A 174 -20.81 14.44 7.28
CA ALA A 174 -19.57 14.69 6.56
C ALA A 174 -19.72 14.76 5.05
N LEU A 175 -20.77 14.13 4.51
CA LEU A 175 -21.00 14.17 3.07
C LEU A 175 -21.76 15.41 2.61
N SER A 176 -22.25 16.22 3.56
CA SER A 176 -22.98 17.43 3.20
C SER A 176 -22.08 18.31 2.38
N GLY A 177 -22.56 18.76 1.24
CA GLY A 177 -21.73 19.61 0.40
C GLY A 177 -21.12 18.82 -0.75
N PHE A 178 -21.51 17.54 -0.83
CA PHE A 178 -21.01 16.67 -1.90
C PHE A 178 -22.21 15.89 -2.46
N PRO A 179 -23.12 16.60 -3.13
CA PRO A 179 -24.33 16.02 -3.73
C PRO A 179 -24.11 14.76 -4.58
N LEU A 180 -23.07 14.79 -5.41
CA LEU A 180 -22.80 13.64 -6.25
C LEU A 180 -22.41 12.42 -5.41
N LEU A 181 -21.55 12.62 -4.41
CA LEU A 181 -21.15 11.51 -3.54
C LEU A 181 -22.37 10.95 -2.81
N GLN A 182 -23.30 11.82 -2.46
CA GLN A 182 -24.52 11.40 -1.77
C GLN A 182 -25.32 10.46 -2.66
N ALA A 183 -25.45 10.81 -3.93
CA ALA A 183 -26.17 9.99 -4.89
C ALA A 183 -25.40 8.70 -5.12
N PHE A 184 -24.07 8.83 -5.15
CA PHE A 184 -23.17 7.70 -5.35
C PHE A 184 -23.43 6.69 -4.24
N LYS A 185 -23.54 7.19 -3.01
CA LYS A 185 -23.77 6.32 -1.86
C LYS A 185 -25.06 5.52 -2.01
N LYS A 186 -26.12 6.17 -2.51
CA LYS A 186 -27.39 5.50 -2.68
C LYS A 186 -27.25 4.41 -3.73
N ARG A 187 -26.69 4.74 -4.88
CA ARG A 187 -26.52 3.74 -5.94
C ARG A 187 -25.77 2.50 -5.48
N ILE A 188 -24.51 2.66 -5.11
CA ILE A 188 -23.69 1.54 -4.68
C ILE A 188 -24.28 0.75 -3.53
N SER A 189 -24.91 1.42 -2.58
CA SER A 189 -25.51 0.74 -1.43
C SER A 189 -26.73 -0.10 -1.78
N SER A 190 -27.29 0.11 -2.96
CA SER A 190 -28.45 -0.65 -3.38
C SER A 190 -28.10 -1.87 -4.22
N ILE A 191 -26.83 -2.04 -4.57
CA ILE A 191 -26.41 -3.21 -5.34
C ILE A 191 -26.84 -4.39 -4.45
N PRO A 192 -27.60 -5.35 -5.00
CA PRO A 192 -28.07 -6.51 -4.23
C PRO A 192 -27.05 -7.11 -3.26
N THR A 193 -25.85 -7.41 -3.73
CA THR A 193 -24.85 -8.00 -2.83
C THR A 193 -24.45 -7.05 -1.73
N ILE A 194 -24.17 -5.80 -2.08
CA ILE A 194 -23.77 -4.84 -1.07
C ILE A 194 -24.95 -4.54 -0.15
N LYS A 195 -26.14 -4.46 -0.73
CA LYS A 195 -27.34 -4.18 0.05
C LYS A 195 -27.48 -5.25 1.14
N LYS A 196 -27.20 -6.50 0.77
CA LYS A 196 -27.29 -7.63 1.69
C LYS A 196 -26.19 -7.55 2.74
N PHE A 197 -25.00 -7.14 2.33
CA PHE A 197 -23.88 -7.05 3.26
C PHE A 197 -24.16 -5.97 4.32
N LEU A 198 -24.94 -4.96 3.95
CA LEU A 198 -25.29 -3.86 4.84
C LEU A 198 -26.49 -4.20 5.72
N ALA A 199 -27.32 -5.13 5.25
CA ALA A 199 -28.49 -5.52 6.03
C ALA A 199 -27.99 -6.23 7.28
N PRO A 200 -28.79 -6.19 8.35
CA PRO A 200 -28.38 -6.84 9.59
C PRO A 200 -28.11 -8.32 9.39
N GLY A 201 -27.24 -8.88 10.23
CA GLY A 201 -26.96 -10.29 10.13
C GLY A 201 -25.91 -10.71 9.12
N SER A 202 -25.18 -9.74 8.55
CA SER A 202 -24.14 -10.07 7.59
C SER A 202 -22.84 -10.31 8.35
N LYS A 203 -21.78 -10.65 7.63
CA LYS A 203 -20.50 -10.87 8.27
C LYS A 203 -19.75 -9.55 8.40
N ARG A 204 -20.40 -8.46 8.01
CA ARG A 204 -19.79 -7.14 8.13
C ARG A 204 -19.52 -6.91 9.62
N LYS A 205 -18.35 -6.35 9.93
CA LYS A 205 -18.00 -6.11 11.33
C LYS A 205 -18.27 -4.67 11.79
N PRO A 206 -18.59 -4.50 13.07
CA PRO A 206 -18.86 -3.17 13.62
C PRO A 206 -17.53 -2.48 13.93
N ILE A 207 -17.62 -1.23 14.35
CA ILE A 207 -16.42 -0.47 14.71
C ILE A 207 -15.71 -1.31 15.77
N SER A 208 -14.38 -1.30 15.74
CA SER A 208 -13.61 -2.07 16.72
C SER A 208 -13.63 -1.41 18.09
N ASP A 209 -13.68 -2.24 19.14
CA ASP A 209 -13.72 -1.74 20.51
C ASP A 209 -12.67 -2.41 21.41
N ASP A 210 -12.56 -1.90 22.64
CA ASP A 210 -11.62 -2.40 23.63
C ASP A 210 -11.41 -3.92 23.60
N LYS A 211 -12.51 -4.67 23.56
CA LYS A 211 -12.39 -6.14 23.55
C LYS A 211 -11.51 -6.58 22.38
N TYR A 212 -11.74 -5.97 21.21
CA TYR A 212 -10.98 -6.26 20.00
C TYR A 212 -9.52 -5.91 20.27
N VAL A 213 -9.29 -4.67 20.67
CA VAL A 213 -7.94 -4.20 20.97
C VAL A 213 -7.24 -5.15 21.93
N GLU A 214 -7.84 -5.35 23.09
CA GLU A 214 -7.28 -6.22 24.11
C GLU A 214 -6.88 -7.58 23.52
N THR A 215 -7.77 -8.19 22.73
CA THR A 215 -7.47 -9.50 22.12
C THR A 215 -6.22 -9.45 21.23
N VAL A 216 -6.14 -8.44 20.39
CA VAL A 216 -5.02 -8.27 19.47
C VAL A 216 -3.70 -8.12 20.24
N ARG A 217 -3.76 -7.42 21.37
CA ARG A 217 -2.56 -7.23 22.17
C ARG A 217 -2.08 -8.52 22.82
N ARG A 218 -3.00 -9.32 23.36
CA ARG A 218 -2.60 -10.58 23.98
C ARG A 218 -2.01 -11.51 22.94
N VAL A 219 -2.63 -11.53 21.77
CA VAL A 219 -2.19 -12.40 20.69
C VAL A 219 -0.87 -12.01 20.03
N LEU A 220 -0.65 -10.71 19.84
CA LEU A 220 0.57 -10.26 19.18
C LEU A 220 1.62 -9.63 20.10
N ARG A 221 1.20 -9.21 21.29
CA ARG A 221 2.13 -8.59 22.24
C ARG A 221 2.75 -7.31 21.67
N MET A 222 1.93 -6.50 21.00
CA MET A 222 2.41 -5.25 20.43
C MET A 222 1.32 -4.20 20.48
N TYR A 223 1.60 -3.05 19.88
CA TYR A 223 0.63 -1.96 19.82
C TYR A 223 0.07 -1.60 21.19
N TYR A 224 0.86 -1.82 22.22
CA TYR A 224 0.42 -1.51 23.57
C TYR A 224 0.32 0.00 23.73
N ASP A 225 1.11 0.73 22.94
CA ASP A 225 1.09 2.18 23.00
C ASP A 225 1.06 2.81 21.62
N VAL A 226 -0.04 2.61 20.90
CA VAL A 226 -0.21 3.16 19.56
C VAL A 226 -0.42 4.67 19.66
N LYS A 227 0.41 5.42 18.94
CA LYS A 227 0.34 6.89 18.93
C LYS A 227 -0.57 7.41 17.83
N PRO A 228 -1.17 8.60 18.04
CA PRO A 228 -2.07 9.23 17.07
C PRO A 228 -1.33 9.76 15.84
N LYS B 4 9.63 10.29 -22.05
CA LYS B 4 8.21 10.73 -22.06
C LYS B 4 7.64 10.89 -20.65
N PRO B 5 7.58 9.80 -19.85
CA PRO B 5 7.04 9.96 -18.50
C PRO B 5 7.82 10.97 -17.67
N VAL B 6 7.11 11.76 -16.88
CA VAL B 6 7.72 12.79 -16.05
C VAL B 6 7.41 12.54 -14.59
N LEU B 7 8.46 12.36 -13.79
CA LEU B 7 8.29 12.11 -12.36
C LEU B 7 8.40 13.37 -11.52
N TYR B 8 7.31 13.74 -10.87
CA TYR B 8 7.28 14.93 -10.02
C TYR B 8 7.52 14.54 -8.58
N TYR B 9 8.67 14.92 -8.03
CA TYR B 9 8.99 14.63 -6.66
C TYR B 9 10.20 15.48 -6.26
N PHE B 10 10.65 15.33 -5.03
CA PHE B 10 11.80 16.08 -4.54
C PHE B 10 13.05 15.52 -5.17
N ASN B 11 14.18 16.22 -5.03
CA ASN B 11 15.42 15.72 -5.60
C ASN B 11 16.10 14.80 -4.60
N GLY B 12 15.54 13.61 -4.47
CA GLY B 12 16.06 12.61 -3.54
C GLY B 12 15.30 11.31 -3.76
N ARG B 13 15.48 10.37 -2.85
CA ARG B 13 14.83 9.07 -2.95
C ARG B 13 13.36 9.07 -2.61
N GLY B 14 13.03 9.12 -1.32
CA GLY B 14 11.64 9.11 -0.91
C GLY B 14 10.86 7.96 -1.52
N LYS B 15 9.58 8.19 -1.80
CA LYS B 15 8.71 7.17 -2.38
C LYS B 15 8.87 7.04 -3.88
N MET B 16 9.48 8.04 -4.50
CA MET B 16 9.70 8.04 -5.93
C MET B 16 10.85 7.12 -6.37
N GLU B 17 11.83 6.88 -5.50
CA GLU B 17 12.98 6.05 -5.89
C GLU B 17 12.58 4.70 -6.48
N SER B 18 11.54 4.07 -5.92
CA SER B 18 11.09 2.75 -6.41
C SER B 18 10.59 2.85 -7.83
N ILE B 19 9.93 3.96 -8.14
CA ILE B 19 9.39 4.20 -9.46
C ILE B 19 10.55 4.43 -10.44
N ARG B 20 11.57 5.17 -10.01
CA ARG B 20 12.74 5.40 -10.87
C ARG B 20 13.38 4.05 -11.13
N TRP B 21 13.41 3.19 -10.12
CA TRP B 21 13.98 1.86 -10.25
C TRP B 21 13.28 0.99 -11.31
N LEU B 22 11.95 0.90 -11.24
CA LEU B 22 11.20 0.06 -12.17
C LEU B 22 11.29 0.55 -13.62
N LEU B 23 11.12 1.85 -13.82
CA LEU B 23 11.22 2.44 -15.15
C LEU B 23 12.60 2.11 -15.72
N ALA B 24 13.63 2.34 -14.91
CA ALA B 24 14.99 2.07 -15.33
C ALA B 24 15.20 0.59 -15.70
N ALA B 25 14.62 -0.31 -14.90
CA ALA B 25 14.79 -1.73 -15.19
C ALA B 25 14.08 -2.14 -16.46
N ALA B 26 13.03 -1.41 -16.81
CA ALA B 26 12.24 -1.72 -18.00
C ALA B 26 12.78 -1.05 -19.26
N GLY B 27 13.87 -0.28 -19.10
CA GLY B 27 14.44 0.42 -20.22
C GLY B 27 13.58 1.59 -20.65
N VAL B 28 13.10 2.37 -19.69
CA VAL B 28 12.25 3.52 -20.00
C VAL B 28 12.87 4.82 -19.48
N GLU B 29 13.28 5.68 -20.41
CA GLU B 29 13.87 6.98 -20.08
C GLU B 29 12.79 7.94 -19.58
N PHE B 30 13.14 8.80 -18.63
CA PHE B 30 12.15 9.70 -18.07
C PHE B 30 12.68 11.06 -17.64
N GLU B 31 11.76 11.99 -17.40
CA GLU B 31 12.12 13.33 -16.95
C GLU B 31 11.72 13.48 -15.49
N GLU B 32 12.38 14.40 -14.81
CA GLU B 32 12.07 14.64 -13.41
C GLU B 32 11.85 16.12 -13.15
N VAL B 33 10.90 16.42 -12.27
CA VAL B 33 10.61 17.79 -11.89
C VAL B 33 10.73 17.80 -10.37
N PHE B 34 11.70 18.54 -9.86
CA PHE B 34 11.91 18.60 -8.42
C PHE B 34 11.21 19.78 -7.78
N LEU B 35 10.77 19.60 -6.55
CA LEU B 35 10.11 20.68 -5.81
C LEU B 35 11.13 21.26 -4.84
N GLU B 36 11.64 22.44 -5.18
CA GLU B 36 12.64 23.12 -4.33
C GLU B 36 12.07 24.27 -3.51
N THR B 37 10.84 24.66 -3.78
CA THR B 37 10.21 25.77 -3.04
C THR B 37 8.74 25.58 -2.70
N ARG B 38 8.35 26.14 -1.56
CA ARG B 38 6.97 26.10 -1.08
C ARG B 38 6.08 26.71 -2.16
N GLU B 39 6.71 27.46 -3.06
CA GLU B 39 6.04 28.12 -4.17
C GLU B 39 5.60 27.09 -5.19
N GLN B 40 6.57 26.36 -5.74
CA GLN B 40 6.29 25.33 -6.73
C GLN B 40 5.10 24.48 -6.32
N TYR B 41 5.10 24.02 -5.09
CA TYR B 41 4.02 23.20 -4.57
C TYR B 41 2.70 23.94 -4.69
N GLU B 42 2.58 25.05 -3.97
CA GLU B 42 1.36 25.85 -3.98
C GLU B 42 0.85 26.13 -5.39
N LYS B 43 1.78 26.19 -6.35
CA LYS B 43 1.40 26.41 -7.73
C LYS B 43 0.86 25.11 -8.31
N LEU B 44 1.48 23.99 -7.95
CA LEU B 44 1.04 22.68 -8.42
C LEU B 44 -0.37 22.41 -7.96
N LEU B 45 -0.66 22.75 -6.71
CA LEU B 45 -1.97 22.57 -6.13
C LEU B 45 -3.00 23.34 -6.94
N GLN B 46 -2.65 24.54 -7.36
CA GLN B 46 -3.54 25.38 -8.15
C GLN B 46 -3.96 24.66 -9.43
N SER B 47 -2.99 24.22 -10.21
CA SER B 47 -3.26 23.52 -11.46
C SER B 47 -4.13 22.30 -11.18
N GLY B 48 -4.06 21.81 -9.94
CA GLY B 48 -4.84 20.65 -9.56
C GLY B 48 -4.43 19.33 -10.18
N ILE B 49 -3.18 19.20 -10.61
CA ILE B 49 -2.71 17.96 -11.22
C ILE B 49 -2.41 16.87 -10.19
N LEU B 50 -2.58 17.19 -8.91
CA LEU B 50 -2.35 16.24 -7.83
C LEU B 50 -3.69 15.87 -7.21
N MET B 51 -4.32 14.85 -7.76
CA MET B 51 -5.63 14.42 -7.26
C MET B 51 -5.79 14.55 -5.74
N PHE B 52 -4.78 14.15 -4.97
CA PHE B 52 -4.89 14.24 -3.51
C PHE B 52 -3.94 15.26 -2.90
N GLN B 53 -3.43 16.15 -3.75
CA GLN B 53 -2.52 17.20 -3.31
C GLN B 53 -1.18 16.66 -2.84
N GLN B 54 -0.84 15.46 -3.27
CA GLN B 54 0.41 14.83 -2.86
C GLN B 54 1.32 14.41 -4.01
N VAL B 55 2.54 14.06 -3.64
CA VAL B 55 3.51 13.53 -4.58
C VAL B 55 4.03 12.32 -3.84
N PRO B 56 4.64 11.37 -4.56
CA PRO B 56 4.87 11.36 -6.00
C PRO B 56 3.67 11.48 -6.93
N MET B 57 3.94 11.97 -8.14
CA MET B 57 2.93 12.09 -9.19
C MET B 57 3.71 11.83 -10.46
N VAL B 58 3.11 11.08 -11.37
CA VAL B 58 3.79 10.79 -12.60
C VAL B 58 2.89 10.99 -13.79
N GLU B 59 3.38 11.74 -14.76
CA GLU B 59 2.63 11.97 -15.99
C GLU B 59 3.09 10.90 -16.94
N ILE B 60 2.15 10.06 -17.36
CA ILE B 60 2.47 8.98 -18.25
C ILE B 60 1.20 8.58 -18.99
N ASP B 61 1.33 8.43 -20.31
CA ASP B 61 0.22 8.05 -21.18
C ASP B 61 -1.07 8.87 -20.98
N GLY B 62 -0.89 10.19 -20.87
CA GLY B 62 -2.03 11.07 -20.72
C GLY B 62 -2.69 11.10 -19.35
N MET B 63 -2.04 10.50 -18.35
CA MET B 63 -2.59 10.49 -17.01
C MET B 63 -1.72 11.26 -16.02
N LYS B 64 -2.35 11.80 -15.00
CA LYS B 64 -1.66 12.52 -13.92
C LYS B 64 -1.83 11.57 -12.75
N LEU B 65 -1.04 10.51 -12.75
CA LEU B 65 -1.11 9.48 -11.70
C LEU B 65 -0.45 9.78 -10.36
N VAL B 66 -1.24 9.68 -9.30
CA VAL B 66 -0.73 9.85 -7.95
C VAL B 66 -0.96 8.52 -7.21
N GLN B 67 -0.28 8.34 -6.09
CA GLN B 67 -0.35 7.11 -5.28
C GLN B 67 0.75 6.19 -5.82
N THR B 68 1.85 6.11 -5.07
CA THR B 68 2.99 5.33 -5.49
C THR B 68 2.69 3.94 -6.05
N ARG B 69 1.93 3.13 -5.31
CA ARG B 69 1.63 1.78 -5.75
C ARG B 69 0.85 1.75 -7.07
N ALA B 70 -0.10 2.65 -7.24
CA ALA B 70 -0.89 2.69 -8.48
C ALA B 70 0.05 2.93 -9.65
N ILE B 71 1.02 3.83 -9.44
CA ILE B 71 2.00 4.18 -10.44
C ILE B 71 2.88 2.96 -10.77
N LEU B 72 3.41 2.33 -9.73
CA LEU B 72 4.27 1.16 -9.89
C LEU B 72 3.51 0.02 -10.57
N ASN B 73 2.29 -0.24 -10.10
CA ASN B 73 1.43 -1.29 -10.65
C ASN B 73 1.27 -1.11 -12.16
N TYR B 74 0.97 0.12 -12.56
CA TYR B 74 0.78 0.44 -13.96
C TYR B 74 2.05 0.15 -14.74
N ILE B 75 3.18 0.65 -14.23
CA ILE B 75 4.45 0.44 -14.91
C ILE B 75 4.80 -1.04 -15.01
N ALA B 76 4.51 -1.81 -13.96
CA ALA B 76 4.84 -3.23 -13.99
C ALA B 76 3.99 -3.93 -15.04
N GLY B 77 2.72 -3.52 -15.12
CA GLY B 77 1.80 -4.11 -16.08
C GLY B 77 2.15 -3.78 -17.52
N LYS B 78 2.40 -2.51 -17.78
CA LYS B 78 2.71 -2.04 -19.13
C LYS B 78 3.95 -2.69 -19.73
N TYR B 79 5.01 -2.84 -18.94
CA TYR B 79 6.23 -3.43 -19.45
C TYR B 79 6.45 -4.89 -19.06
N ASN B 80 5.35 -5.62 -18.96
CA ASN B 80 5.35 -7.04 -18.62
C ASN B 80 6.30 -7.51 -17.54
N LEU B 81 6.23 -6.88 -16.37
CA LEU B 81 7.07 -7.28 -15.26
C LEU B 81 6.12 -7.68 -14.15
N TYR B 82 4.87 -7.92 -14.52
CA TYR B 82 3.82 -8.30 -13.57
C TYR B 82 3.37 -9.75 -13.71
N GLY B 83 4.23 -10.64 -14.17
CA GLY B 83 3.82 -12.03 -14.30
C GLY B 83 2.91 -12.28 -15.48
N LYS B 84 2.31 -13.46 -15.53
CA LYS B 84 1.44 -13.79 -16.67
C LYS B 84 -0.01 -14.15 -16.37
N ASP B 85 -0.44 -14.04 -15.12
CA ASP B 85 -1.83 -14.36 -14.75
C ASP B 85 -2.10 -13.86 -13.34
N LEU B 86 -3.37 -13.86 -12.95
CA LEU B 86 -3.76 -13.40 -11.62
C LEU B 86 -3.00 -14.09 -10.50
N LYS B 87 -2.69 -15.37 -10.68
CA LYS B 87 -1.96 -16.12 -9.66
C LYS B 87 -0.57 -15.53 -9.48
N GLU B 88 0.16 -15.39 -10.57
CA GLU B 88 1.52 -14.86 -10.50
C GLU B 88 1.47 -13.42 -10.01
N ARG B 89 0.45 -12.68 -10.41
CA ARG B 89 0.34 -11.31 -9.97
C ARG B 89 0.21 -11.27 -8.45
N ALA B 90 -0.59 -12.18 -7.90
CA ALA B 90 -0.81 -12.27 -6.46
C ALA B 90 0.52 -12.49 -5.72
N LEU B 91 1.32 -13.42 -6.22
CA LEU B 91 2.61 -13.70 -5.59
C LEU B 91 3.50 -12.47 -5.66
N ILE B 92 3.50 -11.81 -6.81
CA ILE B 92 4.31 -10.61 -6.98
C ILE B 92 3.83 -9.51 -6.02
N ASP B 93 2.52 -9.34 -5.92
CA ASP B 93 1.97 -8.33 -5.01
C ASP B 93 2.27 -8.69 -3.56
N MET B 94 2.30 -9.99 -3.26
CA MET B 94 2.58 -10.40 -1.89
C MET B 94 4.04 -10.11 -1.57
N TYR B 95 4.93 -10.41 -2.51
CA TYR B 95 6.35 -10.17 -2.25
C TYR B 95 6.59 -8.68 -2.15
N VAL B 96 6.02 -7.93 -3.08
CA VAL B 96 6.18 -6.50 -3.09
C VAL B 96 5.67 -5.91 -1.76
N GLY B 97 4.59 -6.47 -1.23
CA GLY B 97 4.06 -5.99 0.04
C GLY B 97 5.14 -6.02 1.11
N GLY B 98 5.88 -7.12 1.18
CA GLY B 98 6.94 -7.24 2.17
C GLY B 98 8.05 -6.23 1.99
N THR B 99 8.62 -6.17 0.79
CA THR B 99 9.69 -5.21 0.52
C THR B 99 9.20 -3.78 0.66
N ASP B 100 7.92 -3.57 0.41
CA ASP B 100 7.33 -2.25 0.54
C ASP B 100 7.34 -1.85 2.02
N ASP B 101 6.95 -2.76 2.91
CA ASP B 101 6.97 -2.44 4.34
C ASP B 101 8.43 -2.24 4.79
N LEU B 102 9.31 -3.14 4.34
CA LEU B 102 10.71 -3.07 4.72
C LEU B 102 11.33 -1.75 4.31
N MET B 103 11.10 -1.32 3.07
CA MET B 103 11.67 -0.06 2.62
C MET B 103 10.91 1.06 3.29
N GLY B 104 9.64 0.79 3.58
CA GLY B 104 8.82 1.79 4.25
C GLY B 104 9.45 2.21 5.57
N PHE B 105 10.01 1.25 6.31
CA PHE B 105 10.61 1.55 7.61
C PHE B 105 11.82 2.45 7.52
N LEU B 106 12.39 2.58 6.32
CA LEU B 106 13.56 3.43 6.13
C LEU B 106 13.18 4.77 5.52
N LEU B 107 11.99 4.84 4.94
CA LEU B 107 11.53 6.08 4.29
C LEU B 107 11.57 7.33 5.16
N SER B 108 11.45 7.17 6.47
CA SER B 108 11.45 8.34 7.35
C SER B 108 12.83 8.55 7.98
N PHE B 109 13.68 7.53 7.88
CA PHE B 109 15.00 7.57 8.48
C PHE B 109 15.69 8.93 8.49
N PRO B 110 15.82 9.58 7.32
CA PRO B 110 16.48 10.89 7.27
C PRO B 110 15.82 11.98 8.11
N PHE B 111 14.52 11.85 8.35
CA PHE B 111 13.79 12.83 9.13
C PHE B 111 13.92 12.54 10.62
N LEU B 112 14.46 11.37 10.95
CA LEU B 112 14.63 10.98 12.34
C LEU B 112 15.79 11.68 13.05
N SER B 113 15.62 11.88 14.36
CA SER B 113 16.63 12.53 15.18
C SER B 113 17.91 11.69 15.18
N ALA B 114 18.96 12.23 15.78
CA ALA B 114 20.24 11.54 15.84
C ALA B 114 20.11 10.18 16.51
N GLU B 115 19.43 10.16 17.66
CA GLU B 115 19.24 8.94 18.43
C GLU B 115 18.19 7.99 17.85
N ASP B 116 17.07 8.53 17.38
CA ASP B 116 16.03 7.69 16.79
C ASP B 116 16.59 6.87 15.63
N LYS B 117 17.54 7.44 14.91
CA LYS B 117 18.15 6.75 13.77
C LYS B 117 18.76 5.42 14.18
N VAL B 118 19.48 5.41 15.29
CA VAL B 118 20.11 4.20 15.79
C VAL B 118 19.06 3.19 16.26
N LYS B 119 17.92 3.71 16.71
CA LYS B 119 16.83 2.86 17.16
C LYS B 119 16.23 2.22 15.91
N GLN B 120 15.89 3.06 14.94
CA GLN B 120 15.30 2.61 13.68
C GLN B 120 16.24 1.69 12.93
N CYS B 121 17.52 2.06 12.87
CA CYS B 121 18.52 1.27 12.19
C CYS B 121 18.46 -0.20 12.63
N ALA B 122 18.56 -0.42 13.93
CA ALA B 122 18.52 -1.78 14.48
C ALA B 122 17.18 -2.45 14.15
N PHE B 123 16.11 -1.66 14.22
CA PHE B 123 14.77 -2.17 13.93
C PHE B 123 14.70 -2.78 12.54
N VAL B 124 15.07 -1.97 11.54
CA VAL B 124 15.07 -2.39 10.15
C VAL B 124 15.89 -3.67 9.97
N VAL B 125 17.12 -3.64 10.46
CA VAL B 125 18.01 -4.77 10.36
C VAL B 125 17.38 -5.99 11.00
N GLU B 126 16.70 -5.77 12.12
CA GLU B 126 16.03 -6.84 12.84
C GLU B 126 14.97 -7.46 11.94
N LYS B 127 14.20 -6.61 11.29
CA LYS B 127 13.13 -7.05 10.40
C LYS B 127 13.67 -7.76 9.17
N ALA B 128 14.80 -7.27 8.67
CA ALA B 128 15.42 -7.84 7.48
C ALA B 128 15.93 -9.26 7.73
N THR B 129 16.70 -9.43 8.79
CA THR B 129 17.26 -10.73 9.13
C THR B 129 16.28 -11.69 9.78
N SER B 130 15.32 -11.17 10.53
CA SER B 130 14.38 -12.05 11.21
C SER B 130 13.06 -12.27 10.51
N ARG B 131 12.70 -11.39 9.58
CA ARG B 131 11.41 -11.54 8.92
C ARG B 131 11.42 -11.60 7.40
N TYR B 132 11.94 -10.56 6.77
CA TYR B 132 11.95 -10.49 5.31
C TYR B 132 12.95 -11.36 4.54
N PHE B 133 14.23 -11.21 4.81
CA PHE B 133 15.23 -12.01 4.13
C PHE B 133 14.95 -13.52 4.20
N PRO B 134 14.56 -14.02 5.39
CA PRO B 134 14.26 -15.46 5.52
C PRO B 134 13.14 -15.86 4.56
N ALA B 135 12.07 -15.07 4.55
CA ALA B 135 10.92 -15.31 3.69
C ALA B 135 11.31 -15.44 2.23
N TYR B 136 12.18 -14.55 1.76
CA TYR B 136 12.60 -14.59 0.36
C TYR B 136 13.61 -15.71 0.09
N GLU B 137 14.50 -15.93 1.05
CA GLU B 137 15.47 -17.00 0.94
C GLU B 137 14.67 -18.30 0.74
N LYS B 138 13.62 -18.47 1.55
CA LYS B 138 12.76 -19.65 1.47
C LYS B 138 12.09 -19.79 0.10
N VAL B 139 11.59 -18.68 -0.45
CA VAL B 139 10.95 -18.73 -1.76
C VAL B 139 11.93 -19.26 -2.81
N LEU B 140 13.10 -18.64 -2.87
CA LEU B 140 14.12 -19.04 -3.83
C LEU B 140 14.52 -20.51 -3.63
N LYS B 141 14.66 -20.92 -2.38
CA LYS B 141 15.04 -22.29 -2.05
C LYS B 141 13.99 -23.31 -2.51
N ASP B 142 12.71 -23.02 -2.25
CA ASP B 142 11.63 -23.93 -2.60
C ASP B 142 11.45 -24.28 -4.08
N HIS B 143 11.75 -23.36 -5.00
CA HIS B 143 11.61 -23.69 -6.41
C HIS B 143 12.92 -23.68 -7.16
N GLY B 144 13.99 -23.32 -6.45
CA GLY B 144 15.33 -23.29 -7.01
C GLY B 144 15.59 -22.44 -8.23
N GLN B 145 14.67 -21.57 -8.61
CA GLN B 145 14.87 -20.73 -9.79
C GLN B 145 15.61 -19.43 -9.48
N ASP B 146 16.09 -18.78 -10.53
CA ASP B 146 16.84 -17.54 -10.36
C ASP B 146 15.98 -16.31 -10.09
N PHE B 147 14.71 -16.39 -10.46
CA PHE B 147 13.79 -15.28 -10.27
C PHE B 147 12.71 -15.65 -9.28
N LEU B 148 12.14 -14.66 -8.60
CA LEU B 148 11.11 -14.90 -7.61
C LEU B 148 9.85 -15.59 -8.13
N VAL B 149 9.38 -15.19 -9.31
CA VAL B 149 8.17 -15.80 -9.84
C VAL B 149 8.25 -15.99 -11.33
N GLY B 150 7.57 -17.03 -11.81
CA GLY B 150 7.54 -17.34 -13.24
C GLY B 150 8.87 -17.52 -13.94
N ASN B 151 9.94 -17.78 -13.17
CA ASN B 151 11.27 -17.96 -13.73
C ASN B 151 11.57 -16.93 -14.83
N ARG B 152 11.34 -15.66 -14.50
CA ARG B 152 11.61 -14.54 -15.41
C ARG B 152 11.61 -13.26 -14.56
N LEU B 153 12.39 -12.28 -14.98
CA LEU B 153 12.46 -11.03 -14.23
C LEU B 153 11.07 -10.46 -13.97
N SER B 154 10.82 -10.09 -12.72
CA SER B 154 9.56 -9.49 -12.37
C SER B 154 9.80 -8.29 -11.47
N TRP B 155 8.75 -7.50 -11.29
CA TRP B 155 8.79 -6.33 -10.44
C TRP B 155 9.21 -6.72 -9.03
N ALA B 156 8.82 -7.91 -8.59
CA ALA B 156 9.17 -8.40 -7.27
C ALA B 156 10.70 -8.54 -7.12
N ASP B 157 11.36 -8.99 -8.18
CA ASP B 157 12.82 -9.13 -8.16
C ASP B 157 13.48 -7.76 -8.03
N ILE B 158 12.98 -6.80 -8.80
CA ILE B 158 13.50 -5.44 -8.80
C ILE B 158 13.33 -4.77 -7.43
N HIS B 159 12.13 -4.85 -6.87
CA HIS B 159 11.83 -4.27 -5.56
C HIS B 159 12.68 -4.92 -4.45
N LEU B 160 12.81 -6.24 -4.51
CA LEU B 160 13.62 -6.95 -3.52
C LEU B 160 15.08 -6.52 -3.62
N LEU B 161 15.60 -6.35 -4.83
CA LEU B 161 16.98 -5.92 -4.99
C LEU B 161 17.20 -4.54 -4.36
N GLU B 162 16.32 -3.58 -4.65
CA GLU B 162 16.45 -2.25 -4.07
C GLU B 162 16.43 -2.32 -2.54
N ALA B 163 15.52 -3.12 -2.01
CA ALA B 163 15.39 -3.26 -0.57
C ALA B 163 16.67 -3.82 0.05
N ILE B 164 17.26 -4.82 -0.59
CA ILE B 164 18.49 -5.43 -0.10
C ILE B 164 19.60 -4.39 0.00
N LEU B 165 19.79 -3.60 -1.05
CA LEU B 165 20.82 -2.57 -1.04
C LEU B 165 20.58 -1.51 0.04
N MET B 166 19.31 -1.11 0.22
CA MET B 166 19.00 -0.10 1.24
C MET B 166 19.38 -0.60 2.61
N VAL B 167 19.21 -1.91 2.81
CA VAL B 167 19.54 -2.52 4.08
C VAL B 167 21.05 -2.58 4.23
N GLU B 168 21.73 -3.14 3.23
CA GLU B 168 23.19 -3.22 3.31
C GLU B 168 23.85 -1.87 3.49
N GLU B 169 23.19 -0.79 3.09
CA GLU B 169 23.75 0.54 3.25
C GLU B 169 23.80 0.86 4.73
N LYS B 170 22.94 0.20 5.50
CA LYS B 170 22.87 0.37 6.95
C LYS B 170 23.70 -0.72 7.66
N LYS B 171 23.79 -1.88 7.03
CA LYS B 171 24.55 -3.00 7.56
C LYS B 171 25.05 -3.86 6.39
N SER B 172 26.34 -3.73 6.09
CA SER B 172 26.95 -4.44 4.97
C SER B 172 26.94 -5.95 5.05
N ASP B 173 26.67 -6.50 6.24
CA ASP B 173 26.63 -7.95 6.38
C ASP B 173 25.24 -8.47 6.69
N ALA B 174 24.22 -7.69 6.34
CA ALA B 174 22.84 -8.09 6.59
C ALA B 174 22.44 -9.35 5.83
N LEU B 175 23.04 -9.57 4.67
CA LEU B 175 22.71 -10.76 3.89
C LEU B 175 23.48 -11.99 4.34
N SER B 176 24.34 -11.83 5.34
CA SER B 176 25.11 -12.97 5.83
C SER B 176 24.12 -14.01 6.33
N GLY B 177 24.23 -15.23 5.82
CA GLY B 177 23.31 -16.28 6.22
C GLY B 177 22.20 -16.46 5.18
N PHE B 178 22.24 -15.67 4.12
CA PHE B 178 21.23 -15.75 3.06
C PHE B 178 21.91 -15.89 1.72
N PRO B 179 22.62 -17.02 1.52
CA PRO B 179 23.35 -17.33 0.29
C PRO B 179 22.56 -17.23 -1.01
N LEU B 180 21.33 -17.70 -1.02
CA LEU B 180 20.52 -17.65 -2.24
C LEU B 180 20.23 -16.20 -2.61
N LEU B 181 19.99 -15.36 -1.59
CA LEU B 181 19.73 -13.94 -1.80
C LEU B 181 21.02 -13.25 -2.23
N GLN B 182 22.15 -13.74 -1.73
CA GLN B 182 23.43 -13.17 -2.10
C GLN B 182 23.66 -13.45 -3.57
N ALA B 183 23.36 -14.68 -3.99
CA ALA B 183 23.53 -15.06 -5.39
C ALA B 183 22.52 -14.26 -6.19
N PHE B 184 21.34 -14.07 -5.58
CA PHE B 184 20.26 -13.32 -6.21
C PHE B 184 20.73 -11.87 -6.45
N LYS B 185 21.34 -11.27 -5.44
CA LYS B 185 21.82 -9.89 -5.57
C LYS B 185 22.71 -9.72 -6.80
N LYS B 186 23.69 -10.60 -6.95
CA LYS B 186 24.61 -10.52 -8.08
C LYS B 186 23.90 -10.71 -9.41
N ARG B 187 23.06 -11.74 -9.51
CA ARG B 187 22.34 -12.04 -10.73
C ARG B 187 21.52 -10.84 -11.23
N ILE B 188 20.56 -10.41 -10.42
CA ILE B 188 19.70 -9.28 -10.77
C ILE B 188 20.50 -8.02 -11.10
N SER B 189 21.55 -7.75 -10.33
CA SER B 189 22.38 -6.58 -10.57
C SER B 189 23.08 -6.64 -11.93
N SER B 190 23.35 -7.85 -12.39
CA SER B 190 24.01 -8.07 -13.68
C SER B 190 23.14 -7.75 -14.89
N ILE B 191 21.82 -7.81 -14.70
CA ILE B 191 20.89 -7.52 -15.78
C ILE B 191 21.21 -6.13 -16.32
N PRO B 192 21.50 -6.04 -17.63
CA PRO B 192 21.86 -4.82 -18.38
C PRO B 192 21.25 -3.49 -17.94
N THR B 193 19.93 -3.38 -18.00
CA THR B 193 19.26 -2.15 -17.61
C THR B 193 19.56 -1.79 -16.15
N ILE B 194 19.51 -2.80 -15.29
CA ILE B 194 19.74 -2.59 -13.88
C ILE B 194 21.20 -2.30 -13.62
N LYS B 195 22.08 -3.00 -14.33
CA LYS B 195 23.51 -2.77 -14.19
C LYS B 195 23.81 -1.30 -14.49
N LYS B 196 23.13 -0.79 -15.52
CA LYS B 196 23.30 0.58 -15.96
C LYS B 196 22.76 1.56 -14.92
N PHE B 197 21.60 1.25 -14.35
CA PHE B 197 20.99 2.10 -13.32
C PHE B 197 21.88 2.13 -12.08
N LEU B 198 22.61 1.05 -11.84
CA LEU B 198 23.50 0.98 -10.68
C LEU B 198 24.88 1.56 -10.98
N ALA B 199 25.17 1.82 -12.25
CA ALA B 199 26.46 2.38 -12.63
C ALA B 199 26.45 3.89 -12.41
N PRO B 200 27.62 4.50 -12.24
CA PRO B 200 27.65 5.95 -12.03
C PRO B 200 26.97 6.74 -13.14
N GLY B 201 26.50 7.95 -12.81
CA GLY B 201 25.86 8.81 -13.79
C GLY B 201 24.41 8.55 -14.15
N SER B 202 23.73 7.66 -13.43
CA SER B 202 22.32 7.35 -13.72
C SER B 202 21.42 8.25 -12.87
N LYS B 203 20.12 8.18 -13.10
CA LYS B 203 19.18 8.99 -12.33
C LYS B 203 18.85 8.38 -10.96
N ARG B 204 19.69 7.48 -10.49
CA ARG B 204 19.48 6.83 -9.18
C ARG B 204 19.90 7.78 -8.07
N LYS B 205 19.05 7.92 -7.06
CA LYS B 205 19.32 8.84 -5.97
C LYS B 205 20.13 8.29 -4.81
N PRO B 206 21.03 9.11 -4.25
CA PRO B 206 21.88 8.70 -3.12
C PRO B 206 21.08 8.74 -1.82
N ILE B 207 21.69 8.27 -0.74
CA ILE B 207 21.04 8.29 0.55
C ILE B 207 20.66 9.75 0.83
N SER B 208 19.39 9.98 1.15
CA SER B 208 18.90 11.31 1.43
C SER B 208 19.66 11.98 2.58
N ASP B 209 20.10 13.21 2.35
CA ASP B 209 20.85 13.95 3.35
C ASP B 209 20.02 15.00 4.09
N ASP B 210 20.67 15.73 5.00
CA ASP B 210 20.00 16.78 5.77
C ASP B 210 19.40 17.81 4.82
N LYS B 211 20.12 18.11 3.74
CA LYS B 211 19.65 19.07 2.76
C LYS B 211 18.26 18.65 2.30
N TYR B 212 18.13 17.39 1.88
CA TYR B 212 16.86 16.85 1.41
C TYR B 212 15.75 17.09 2.45
N VAL B 213 15.98 16.62 3.67
CA VAL B 213 15.01 16.77 4.75
C VAL B 213 14.54 18.23 4.90
N GLU B 214 15.48 19.16 4.79
CA GLU B 214 15.16 20.58 4.94
C GLU B 214 14.24 21.03 3.80
N THR B 215 14.60 20.68 2.57
CA THR B 215 13.81 21.05 1.42
C THR B 215 12.38 20.53 1.52
N VAL B 216 12.24 19.24 1.82
CA VAL B 216 10.92 18.65 1.95
C VAL B 216 10.13 19.46 2.97
N ARG B 217 10.69 19.60 4.17
CA ARG B 217 10.05 20.37 5.24
C ARG B 217 9.65 21.76 4.78
N ARG B 218 10.42 22.35 3.87
CA ARG B 218 10.09 23.68 3.37
C ARG B 218 8.89 23.66 2.45
N VAL B 219 9.04 22.98 1.32
CA VAL B 219 7.99 22.87 0.33
C VAL B 219 6.62 22.45 0.89
N LEU B 220 6.62 21.54 1.88
CA LEU B 220 5.37 21.05 2.43
C LEU B 220 5.03 21.51 3.86
N ARG B 221 5.98 22.13 4.54
CA ARG B 221 5.76 22.60 5.91
C ARG B 221 5.20 21.49 6.81
N MET B 222 5.76 20.29 6.68
CA MET B 222 5.33 19.15 7.49
C MET B 222 6.54 18.29 7.86
N TYR B 223 6.28 17.18 8.54
CA TYR B 223 7.34 16.25 8.94
C TYR B 223 8.51 16.91 9.66
N TYR B 224 8.27 17.29 10.91
CA TYR B 224 9.30 17.92 11.73
C TYR B 224 9.55 17.01 12.91
N ASP B 225 8.49 16.34 13.34
CA ASP B 225 8.56 15.41 14.46
C ASP B 225 8.15 14.03 13.97
N VAL B 226 9.07 13.31 13.35
CA VAL B 226 8.77 11.98 12.85
C VAL B 226 9.31 10.95 13.85
N LYS B 227 8.42 10.08 14.34
CA LYS B 227 8.80 9.07 15.33
C LYS B 227 9.00 7.69 14.71
N PRO B 228 9.92 6.90 15.29
CA PRO B 228 10.24 5.54 14.84
C PRO B 228 9.12 4.54 15.12
#